data_6MJE
#
_entry.id   6MJE
#
_cell.length_a   44.368
_cell.length_b   203.755
_cell.length_c   44.259
_cell.angle_alpha   90.00
_cell.angle_beta   90.36
_cell.angle_gamma   90.00
#
_symmetry.space_group_name_H-M   'P 1 21 1'
#
loop_
_entity.id
_entity.type
_entity.pdbx_description
1 polymer 'Monopolin complex subunit CSM1'
2 polymer Dsn1p
#
loop_
_entity_poly.entity_id
_entity_poly.type
_entity_poly.pdbx_seq_one_letter_code
_entity_poly.pdbx_strand_id
1 'polypeptide(L)'
;MKSSHHHHHHENLYFQSNAETIEIIKDLFEHLCGVRVHRTYEDDTGLWFDTSQGSKNGIMDYKLGFVKSQAENTTEVDTE
VIYVPLLKQRTAEELQELQKKLPDYLFETLSFPLRSLNQFYIKMSKSLNKKV
;
A,C,E,G
2 'polypeptide(L)' DLKFKRHKNKHIQGFPTLGERLDNLQDIKKAKRVENFNSS B,D,F,H
#
# COMPACT_ATOMS: atom_id res chain seq x y z
N LEU A 13 -13.52 -1.08 5.26
CA LEU A 13 -12.71 -1.06 4.04
C LEU A 13 -13.46 -1.75 2.91
N TYR A 14 -12.72 -2.18 1.89
CA TYR A 14 -13.31 -2.78 0.70
C TYR A 14 -14.13 -4.01 1.08
N PHE A 15 -15.33 -4.12 0.52
CA PHE A 15 -16.24 -5.21 0.81
C PHE A 15 -16.68 -5.89 -0.48
N GLN A 16 -16.52 -7.22 -0.52
CA GLN A 16 -16.90 -8.04 -1.66
C GLN A 16 -18.09 -8.90 -1.28
N SER A 17 -19.20 -8.76 -2.02
CA SER A 17 -20.33 -9.64 -1.81
C SER A 17 -20.01 -11.04 -2.34
N ASN A 18 -20.69 -12.04 -1.77
CA ASN A 18 -20.52 -13.41 -2.24
C ASN A 18 -20.65 -13.50 -3.75
N ALA A 19 -21.66 -12.83 -4.31
CA ALA A 19 -21.81 -12.72 -5.75
C ALA A 19 -20.54 -12.15 -6.41
N GLU A 20 -20.11 -10.96 -5.96
CA GLU A 20 -18.96 -10.31 -6.57
C GLU A 20 -17.74 -11.22 -6.57
N THR A 21 -17.57 -12.01 -5.51
CA THR A 21 -16.41 -12.91 -5.44
C THR A 21 -16.44 -13.92 -6.57
N ILE A 22 -17.61 -14.52 -6.81
CA ILE A 22 -17.74 -15.49 -7.89
C ILE A 22 -17.26 -14.88 -9.20
N GLU A 23 -17.67 -13.65 -9.49
CA GLU A 23 -17.27 -13.02 -10.75
C GLU A 23 -15.77 -12.80 -10.78
N ILE A 24 -15.17 -12.49 -9.63
CA ILE A 24 -13.73 -12.28 -9.57
C ILE A 24 -12.99 -13.60 -9.74
N ILE A 25 -13.45 -14.64 -9.04
CA ILE A 25 -12.82 -15.95 -9.20
C ILE A 25 -12.93 -16.44 -10.63
N LYS A 26 -14.10 -16.28 -11.25
CA LYS A 26 -14.24 -16.62 -12.66
C LYS A 26 -13.24 -15.85 -13.50
N ASP A 27 -13.28 -14.51 -13.40
CA ASP A 27 -12.40 -13.67 -14.21
C ASP A 27 -10.94 -14.11 -14.09
N LEU A 28 -10.52 -14.49 -12.89
CA LEU A 28 -9.15 -14.95 -12.72
C LEU A 28 -8.87 -16.18 -13.57
N PHE A 29 -9.71 -17.21 -13.45
CA PHE A 29 -9.42 -18.48 -14.09
C PHE A 29 -9.49 -18.41 -15.61
N GLU A 30 -10.21 -17.43 -16.15
CA GLU A 30 -10.21 -17.27 -17.59
C GLU A 30 -8.83 -16.86 -18.07
N HIS A 31 -8.27 -15.81 -17.45
CA HIS A 31 -6.94 -15.32 -17.78
C HIS A 31 -5.85 -16.30 -17.34
N LEU A 32 -6.02 -16.90 -16.16
CA LEU A 32 -5.05 -17.89 -15.70
C LEU A 32 -5.05 -19.15 -16.57
N CYS A 33 -6.22 -19.79 -16.71
CA CYS A 33 -6.28 -21.14 -17.22
C CYS A 33 -6.97 -21.29 -18.57
N GLY A 34 -7.56 -20.23 -19.12
CA GLY A 34 -8.28 -20.38 -20.37
C GLY A 34 -9.58 -21.12 -20.22
N VAL A 35 -10.22 -21.02 -19.06
CA VAL A 35 -11.44 -21.72 -18.73
C VAL A 35 -12.42 -20.68 -18.22
N ARG A 36 -13.68 -20.83 -18.61
CA ARG A 36 -14.71 -19.88 -18.24
C ARG A 36 -15.96 -20.66 -17.92
N VAL A 37 -16.37 -20.67 -16.65
CA VAL A 37 -17.56 -21.39 -16.21
C VAL A 37 -18.74 -20.42 -16.20
N HIS A 38 -19.74 -20.67 -17.06
CA HIS A 38 -20.84 -19.73 -17.19
C HIS A 38 -21.99 -20.00 -16.23
N ARG A 39 -22.14 -21.25 -15.78
CA ARG A 39 -23.33 -21.67 -15.05
C ARG A 39 -22.98 -22.91 -14.25
N THR A 40 -23.57 -23.03 -13.07
CA THR A 40 -23.53 -24.29 -12.34
C THR A 40 -24.87 -24.56 -11.68
N TYR A 41 -25.28 -25.83 -11.70
CA TYR A 41 -26.46 -26.23 -10.98
C TYR A 41 -26.29 -27.67 -10.51
N GLU A 42 -27.09 -28.03 -9.51
CA GLU A 42 -27.24 -29.41 -9.08
C GLU A 42 -28.61 -29.90 -9.51
N ASP A 43 -28.68 -31.17 -9.92
CA ASP A 43 -29.96 -31.83 -10.12
C ASP A 43 -29.90 -33.19 -9.45
N ASP A 44 -30.84 -34.09 -9.81
CA ASP A 44 -30.83 -35.44 -9.25
C ASP A 44 -29.63 -36.24 -9.76
N THR A 45 -29.13 -35.92 -10.97
CA THR A 45 -28.07 -36.68 -11.60
C THR A 45 -26.70 -36.34 -11.02
N GLY A 46 -26.46 -35.07 -10.73
CA GLY A 46 -25.14 -34.69 -10.29
C GLY A 46 -24.96 -33.18 -10.40
N LEU A 47 -23.70 -32.77 -10.48
CA LEU A 47 -23.31 -31.37 -10.45
C LEU A 47 -22.74 -30.96 -11.80
N TRP A 48 -23.28 -29.90 -12.39
CA TRP A 48 -23.09 -29.66 -13.82
C TRP A 48 -22.50 -28.29 -14.08
N PHE A 49 -21.50 -28.26 -14.96
CA PHE A 49 -20.80 -27.04 -15.32
C PHE A 49 -20.92 -26.79 -16.81
N ASP A 50 -21.35 -25.59 -17.17
CA ASP A 50 -21.41 -25.17 -18.57
C ASP A 50 -20.15 -24.36 -18.82
N THR A 51 -19.35 -24.78 -19.80
CA THR A 51 -17.94 -24.46 -19.82
C THR A 51 -17.40 -24.15 -21.21
N SER A 52 -16.50 -23.16 -21.28
CA SER A 52 -15.74 -22.88 -22.49
C SER A 52 -14.27 -22.75 -22.11
N GLN A 53 -13.41 -23.52 -22.80
CA GLN A 53 -11.98 -23.40 -22.58
C GLN A 53 -11.26 -23.23 -23.92
N GLY A 54 -10.24 -22.39 -23.91
CA GLY A 54 -9.41 -22.16 -25.07
C GLY A 54 -8.92 -20.72 -25.11
N SER A 55 -8.56 -20.31 -26.32
CA SER A 55 -7.88 -19.05 -26.58
C SER A 55 -8.40 -18.48 -27.89
N LYS A 56 -7.59 -17.63 -28.51
CA LYS A 56 -7.88 -17.21 -29.87
C LYS A 56 -7.69 -18.37 -30.86
N ASN A 57 -6.73 -19.27 -30.60
CA ASN A 57 -6.44 -20.33 -31.55
C ASN A 57 -7.60 -21.31 -31.66
N GLY A 58 -8.20 -21.66 -30.54
CA GLY A 58 -9.27 -22.64 -30.56
C GLY A 58 -10.12 -22.60 -29.32
N ILE A 59 -11.44 -22.57 -29.50
CA ILE A 59 -12.39 -22.59 -28.38
C ILE A 59 -13.25 -23.84 -28.47
N MET A 60 -13.45 -24.50 -27.33
CA MET A 60 -14.29 -25.68 -27.24
C MET A 60 -15.31 -25.48 -26.12
N ASP A 61 -16.58 -25.57 -26.46
CA ASP A 61 -17.62 -25.57 -25.43
C ASP A 61 -17.90 -26.98 -25.01
N TYR A 62 -18.26 -27.17 -23.74
CA TYR A 62 -18.56 -28.52 -23.25
C TYR A 62 -19.26 -28.44 -21.91
N LYS A 63 -19.77 -29.60 -21.48
CA LYS A 63 -20.52 -29.70 -20.24
C LYS A 63 -19.84 -30.74 -19.34
N LEU A 64 -19.74 -30.41 -18.06
CA LEU A 64 -19.02 -31.26 -17.14
C LEU A 64 -19.95 -31.68 -16.02
N GLY A 65 -20.00 -32.99 -15.79
CA GLY A 65 -20.78 -33.52 -14.70
C GLY A 65 -19.95 -34.38 -13.77
N PHE A 66 -20.36 -34.36 -12.50
CA PHE A 66 -19.70 -35.09 -11.44
C PHE A 66 -20.77 -35.93 -10.72
N VAL A 67 -20.54 -37.23 -10.61
CA VAL A 67 -21.54 -38.16 -10.08
C VAL A 67 -20.94 -39.06 -9.00
N ASP A 78 -15.44 -42.21 -4.59
CA ASP A 78 -15.47 -42.51 -6.02
C ASP A 78 -16.43 -41.62 -6.78
N THR A 79 -15.89 -40.72 -7.59
CA THR A 79 -16.69 -39.80 -8.38
C THR A 79 -16.35 -39.97 -9.85
N GLU A 80 -17.37 -40.11 -10.69
CA GLU A 80 -17.20 -40.15 -12.12
C GLU A 80 -17.37 -38.75 -12.71
N VAL A 81 -16.65 -38.48 -13.78
CA VAL A 81 -16.83 -37.26 -14.57
C VAL A 81 -17.53 -37.65 -15.86
N ILE A 82 -18.52 -36.85 -16.26
CA ILE A 82 -19.15 -36.96 -17.57
C ILE A 82 -18.75 -35.73 -18.36
N TYR A 83 -18.25 -35.94 -19.58
CA TYR A 83 -17.87 -34.87 -20.48
C TYR A 83 -18.69 -34.91 -21.76
N VAL A 84 -19.34 -33.79 -22.09
CA VAL A 84 -20.22 -33.68 -23.24
C VAL A 84 -19.82 -32.50 -24.12
N PRO A 85 -19.31 -32.76 -25.32
CA PRO A 85 -18.96 -31.65 -26.23
C PRO A 85 -20.20 -30.91 -26.68
N LEU A 86 -20.12 -29.58 -26.67
CA LEU A 86 -21.20 -28.73 -27.12
C LEU A 86 -20.75 -28.01 -28.38
N LEU A 87 -21.38 -28.33 -29.51
CA LEU A 87 -20.99 -27.78 -30.80
C LEU A 87 -21.97 -26.78 -31.38
N LYS A 88 -23.09 -26.50 -30.69
CA LYS A 88 -24.10 -25.63 -31.28
C LYS A 88 -23.56 -24.22 -31.54
N GLN A 89 -22.67 -23.73 -30.68
CA GLN A 89 -22.20 -22.34 -30.78
C GLN A 89 -21.04 -22.19 -31.77
N ARG A 90 -20.43 -23.28 -32.20
CA ARG A 90 -19.33 -23.19 -33.13
C ARG A 90 -19.84 -22.95 -34.55
N THR A 91 -19.06 -22.19 -35.31
CA THR A 91 -19.34 -21.97 -36.71
C THR A 91 -18.95 -23.20 -37.51
N ALA A 92 -19.36 -23.21 -38.79
CA ALA A 92 -18.99 -24.34 -39.64
C ALA A 92 -17.49 -24.38 -39.83
N GLU A 93 -16.87 -23.21 -40.05
CA GLU A 93 -15.42 -23.13 -40.14
C GLU A 93 -14.76 -23.70 -38.90
N GLU A 94 -15.10 -23.13 -37.75
CA GLU A 94 -14.48 -23.51 -36.48
C GLU A 94 -14.50 -25.01 -36.29
N LEU A 95 -15.61 -25.65 -36.65
CA LEU A 95 -15.68 -27.11 -36.62
C LEU A 95 -14.60 -27.71 -37.50
N GLN A 96 -14.49 -27.21 -38.74
CA GLN A 96 -13.49 -27.74 -39.66
C GLN A 96 -12.11 -27.66 -39.04
N GLU A 97 -11.74 -26.47 -38.57
CA GLU A 97 -10.47 -26.34 -37.85
C GLU A 97 -10.43 -27.28 -36.65
N LEU A 98 -11.44 -27.21 -35.79
CA LEU A 98 -11.52 -28.11 -34.65
C LEU A 98 -11.34 -29.56 -35.06
N GLN A 99 -12.08 -29.99 -36.10
CA GLN A 99 -12.08 -31.40 -36.47
C GLN A 99 -10.67 -31.87 -36.82
N LYS A 100 -9.88 -31.00 -37.44
CA LYS A 100 -8.49 -31.35 -37.72
C LYS A 100 -7.62 -31.14 -36.48
N LYS A 101 -8.08 -30.33 -35.52
CA LYS A 101 -7.30 -30.07 -34.32
C LYS A 101 -7.52 -31.15 -33.25
N LEU A 102 -8.87 -31.62 -33.02
CA LEU A 102 -9.12 -32.41 -31.82
C LEU A 102 -9.05 -33.91 -32.09
N PRO A 103 -8.68 -34.70 -31.09
CA PRO A 103 -8.70 -36.16 -31.26
C PRO A 103 -10.14 -36.64 -31.32
N ASP A 104 -10.32 -37.83 -31.90
CA ASP A 104 -11.67 -38.34 -32.09
C ASP A 104 -12.42 -38.39 -30.77
N TYR A 105 -11.83 -38.98 -29.73
CA TYR A 105 -12.57 -39.19 -28.49
C TYR A 105 -13.08 -37.89 -27.91
N LEU A 106 -12.42 -36.76 -28.19
CA LEU A 106 -12.84 -35.46 -27.66
C LEU A 106 -14.09 -34.93 -28.33
N PHE A 107 -14.54 -35.56 -29.41
CA PHE A 107 -15.87 -35.23 -29.92
C PHE A 107 -16.93 -36.14 -29.34
N GLU A 108 -16.52 -37.20 -28.65
CA GLU A 108 -17.46 -38.16 -28.09
C GLU A 108 -17.84 -37.76 -26.67
N THR A 109 -18.93 -38.35 -26.19
CA THR A 109 -19.38 -38.14 -24.82
C THR A 109 -18.73 -39.18 -23.92
N LEU A 110 -18.02 -38.71 -22.90
CA LEU A 110 -17.14 -39.60 -22.15
C LEU A 110 -17.55 -39.68 -20.69
N SER A 111 -17.01 -40.70 -20.04
CA SER A 111 -17.12 -40.90 -18.61
C SER A 111 -15.75 -41.34 -18.15
N PHE A 112 -15.20 -40.64 -17.16
CA PHE A 112 -13.86 -40.96 -16.70
C PHE A 112 -13.76 -40.60 -15.21
N PRO A 113 -12.78 -41.16 -14.51
CA PRO A 113 -12.70 -40.89 -13.06
C PRO A 113 -12.18 -39.49 -12.79
N LEU A 114 -12.47 -39.00 -11.58
CA LEU A 114 -12.15 -37.61 -11.25
C LEU A 114 -10.66 -37.34 -11.42
N ARG A 115 -9.83 -38.24 -10.90
CA ARG A 115 -8.37 -38.03 -10.90
C ARG A 115 -7.81 -37.78 -12.29
N SER A 116 -8.51 -38.20 -13.34
CA SER A 116 -8.01 -37.97 -14.68
C SER A 116 -8.42 -36.61 -15.24
N LEU A 117 -9.12 -35.80 -14.44
CA LEU A 117 -9.68 -34.55 -14.96
C LEU A 117 -8.59 -33.58 -15.43
N ASN A 118 -7.47 -33.49 -14.71
CA ASN A 118 -6.44 -32.54 -15.13
C ASN A 118 -5.74 -33.03 -16.39
N GLN A 119 -5.50 -34.34 -16.50
CA GLN A 119 -5.05 -34.90 -17.77
C GLN A 119 -6.01 -34.52 -18.90
N PHE A 120 -7.32 -34.55 -18.63
CA PHE A 120 -8.29 -34.12 -19.64
C PHE A 120 -8.09 -32.65 -19.98
N TYR A 121 -7.98 -31.81 -18.96
CA TYR A 121 -7.83 -30.38 -19.20
C TYR A 121 -6.59 -30.08 -20.04
N ILE A 122 -5.50 -30.82 -19.80
CA ILE A 122 -4.27 -30.56 -20.53
C ILE A 122 -4.42 -31.00 -21.98
N LYS A 123 -4.90 -32.24 -22.19
CA LYS A 123 -5.24 -32.75 -23.52
C LYS A 123 -6.06 -31.75 -24.33
N MET A 124 -7.11 -31.20 -23.72
CA MET A 124 -7.93 -30.22 -24.41
C MET A 124 -7.11 -29.02 -24.86
N SER A 125 -6.34 -28.43 -23.93
CA SER A 125 -5.65 -27.17 -24.23
C SER A 125 -4.55 -27.37 -25.26
N LYS A 126 -3.78 -28.45 -25.13
CA LYS A 126 -2.83 -28.81 -26.18
C LYS A 126 -3.55 -28.97 -27.52
N SER A 127 -4.64 -29.74 -27.54
CA SER A 127 -5.31 -30.07 -28.80
C SER A 127 -5.87 -28.82 -29.46
N LEU A 128 -6.32 -27.84 -28.67
CA LEU A 128 -6.78 -26.59 -29.27
C LEU A 128 -5.63 -25.82 -29.88
N ASN A 129 -4.50 -25.76 -29.16
CA ASN A 129 -3.37 -24.94 -29.55
C ASN A 129 -2.69 -25.46 -30.81
N LYS A 130 -2.82 -26.75 -31.11
CA LYS A 130 -2.02 -27.36 -32.16
C LYS A 130 -2.23 -26.64 -33.49
N LYS A 131 -1.13 -26.24 -34.12
CA LYS A 131 -1.19 -25.67 -35.46
C LYS A 131 -1.80 -26.66 -36.44
N VAL A 132 -2.48 -26.14 -37.46
CA VAL A 132 -3.11 -26.99 -38.47
C VAL A 132 -3.47 -26.19 -39.73
N LEU B 2 -7.57 -19.07 -39.11
CA LEU B 2 -8.82 -18.76 -38.41
C LEU B 2 -8.61 -18.59 -36.92
N LYS B 3 -9.13 -17.49 -36.38
CA LYS B 3 -9.15 -17.26 -34.94
C LYS B 3 -10.59 -17.39 -34.45
N PHE B 4 -10.78 -18.22 -33.42
CA PHE B 4 -12.08 -18.34 -32.78
C PHE B 4 -12.41 -17.06 -32.05
N LYS B 5 -13.68 -16.66 -32.10
CA LYS B 5 -14.11 -15.45 -31.40
C LYS B 5 -14.67 -15.82 -30.03
N ARG B 6 -14.28 -15.06 -29.01
CA ARG B 6 -14.83 -15.28 -27.68
C ARG B 6 -16.31 -14.95 -27.68
N HIS B 7 -17.10 -15.79 -27.02
CA HIS B 7 -18.53 -15.59 -26.92
C HIS B 7 -18.86 -14.89 -25.60
N LYS B 8 -19.91 -14.07 -25.62
CA LYS B 8 -20.31 -13.30 -24.45
C LYS B 8 -20.97 -14.21 -23.41
N ASN B 9 -20.85 -13.81 -22.14
CA ASN B 9 -21.23 -14.64 -21.01
C ASN B 9 -22.65 -15.20 -21.08
N PRO B 16 -32.29 -24.57 -13.92
CA PRO B 16 -32.18 -25.76 -14.80
C PRO B 16 -33.52 -26.18 -15.43
N THR B 17 -33.57 -26.22 -16.76
CA THR B 17 -34.79 -26.61 -17.47
C THR B 17 -35.05 -28.10 -17.34
N LEU B 18 -36.31 -28.47 -17.55
CA LEU B 18 -36.65 -29.88 -17.63
C LEU B 18 -35.85 -30.55 -18.73
N GLY B 19 -35.83 -29.93 -19.91
CA GLY B 19 -35.04 -30.48 -20.99
C GLY B 19 -33.60 -30.69 -20.61
N GLU B 20 -33.02 -29.73 -19.87
CA GLU B 20 -31.63 -29.83 -19.47
C GLU B 20 -31.40 -31.02 -18.56
N ARG B 21 -32.19 -31.13 -17.49
CA ARG B 21 -32.19 -32.34 -16.68
C ARG B 21 -32.27 -33.59 -17.54
N LEU B 22 -33.27 -33.67 -18.44
CA LEU B 22 -33.45 -34.87 -19.25
C LEU B 22 -32.22 -35.13 -20.09
N ASP B 23 -31.75 -34.11 -20.82
CA ASP B 23 -30.59 -34.29 -21.66
C ASP B 23 -29.40 -34.82 -20.87
N ASN B 24 -29.30 -34.43 -19.59
CA ASN B 24 -28.24 -34.95 -18.74
C ASN B 24 -28.33 -36.46 -18.61
N LEU B 25 -29.55 -36.96 -18.37
CA LEU B 25 -29.76 -38.39 -18.22
C LEU B 25 -29.33 -39.14 -19.46
N GLN B 26 -29.73 -38.62 -20.63
CA GLN B 26 -29.29 -39.23 -21.88
C GLN B 26 -27.77 -39.26 -21.95
N ASP B 27 -27.13 -38.13 -21.63
CA ASP B 27 -25.69 -38.00 -21.74
C ASP B 27 -24.96 -39.03 -20.88
N ILE B 28 -25.40 -39.21 -19.63
CA ILE B 28 -24.91 -40.32 -18.82
C ILE B 28 -24.95 -41.63 -19.62
N LYS B 29 -26.11 -41.94 -20.21
CA LYS B 29 -26.31 -43.26 -20.80
C LYS B 29 -25.46 -43.47 -22.04
N LYS B 30 -25.37 -42.46 -22.91
CA LYS B 30 -24.53 -42.55 -24.09
C LYS B 30 -23.04 -42.66 -23.75
N ALA B 31 -22.60 -42.16 -22.60
CA ALA B 31 -21.18 -41.82 -22.44
C ALA B 31 -20.29 -43.08 -22.35
N LYS B 32 -19.20 -43.06 -23.12
CA LYS B 32 -18.22 -44.13 -23.18
C LYS B 32 -17.19 -43.98 -22.07
N ARG B 33 -17.17 -44.91 -21.13
CA ARG B 33 -16.20 -44.88 -20.06
C ARG B 33 -14.80 -45.02 -20.61
N VAL B 34 -13.89 -44.17 -20.12
CA VAL B 34 -12.47 -44.19 -20.42
C VAL B 34 -11.77 -43.93 -19.10
N GLU B 35 -10.54 -44.43 -18.96
CA GLU B 35 -9.85 -44.32 -17.68
C GLU B 35 -8.61 -43.44 -17.70
N ASN B 36 -7.94 -43.30 -18.85
CA ASN B 36 -6.75 -42.49 -18.98
C ASN B 36 -6.83 -41.66 -20.26
N PHE B 37 -6.02 -40.62 -20.33
CA PHE B 37 -5.88 -39.88 -21.57
C PHE B 37 -4.45 -39.94 -22.06
N LEU C 13 17.81 48.81 3.21
CA LEU C 13 18.85 47.88 3.67
C LEU C 13 18.66 46.49 3.08
N TYR C 14 18.21 45.56 3.93
CA TYR C 14 18.01 44.17 3.55
C TYR C 14 16.52 43.95 3.31
N PHE C 15 16.15 43.60 2.08
CA PHE C 15 14.75 43.46 1.73
C PHE C 15 14.44 42.00 1.40
N GLN C 16 13.45 41.44 2.11
CA GLN C 16 12.96 40.09 1.89
C GLN C 16 11.55 40.18 1.30
N SER C 17 11.35 39.55 0.16
CA SER C 17 10.01 39.48 -0.39
C SER C 17 9.16 38.49 0.41
N ASN C 18 7.84 38.65 0.31
CA ASN C 18 6.92 37.67 0.89
C ASN C 18 7.31 36.26 0.51
N ALA C 19 7.56 36.05 -0.79
CA ALA C 19 8.03 34.77 -1.30
C ALA C 19 9.29 34.29 -0.58
N GLU C 20 10.31 35.15 -0.51
CA GLU C 20 11.59 34.75 0.10
C GLU C 20 11.37 34.34 1.55
N THR C 21 10.51 35.07 2.27
CA THR C 21 10.26 34.77 3.67
C THR C 21 9.74 33.35 3.85
N ILE C 22 8.79 32.94 3.00
CA ILE C 22 8.26 31.58 3.08
C ILE C 22 9.39 30.57 3.10
N GLU C 23 10.31 30.69 2.14
CA GLU C 23 11.45 29.78 2.09
C GLU C 23 12.27 29.88 3.36
N ILE C 24 12.51 31.10 3.86
CA ILE C 24 13.30 31.27 5.07
C ILE C 24 12.60 30.60 6.25
N ILE C 25 11.27 30.74 6.35
CA ILE C 25 10.55 30.09 7.42
C ILE C 25 10.55 28.58 7.23
N LYS C 26 10.46 28.12 5.98
CA LYS C 26 10.55 26.68 5.75
C LYS C 26 11.91 26.16 6.18
N ASP C 27 12.98 26.81 5.69
CA ASP C 27 14.33 26.39 6.07
C ASP C 27 14.46 26.27 7.58
N LEU C 28 13.96 27.26 8.31
CA LEU C 28 14.09 27.24 9.76
C LEU C 28 13.50 25.97 10.35
N PHE C 29 12.24 25.67 10.03
CA PHE C 29 11.54 24.58 10.69
C PHE C 29 12.05 23.20 10.30
N GLU C 30 12.67 23.09 9.13
CA GLU C 30 13.38 21.87 8.80
C GLU C 30 14.47 21.60 9.81
N HIS C 31 15.36 22.59 10.02
CA HIS C 31 16.47 22.44 10.96
C HIS C 31 15.98 22.45 12.39
N LEU C 32 14.98 23.29 12.70
CA LEU C 32 14.48 23.36 14.06
C LEU C 32 13.75 22.09 14.47
N CYS C 33 12.76 21.67 13.69
CA CYS C 33 11.79 20.68 14.12
C CYS C 33 11.79 19.39 13.31
N GLY C 34 12.57 19.34 12.23
CA GLY C 34 12.55 18.16 11.39
C GLY C 34 11.29 18.06 10.56
N VAL C 35 10.67 19.18 10.23
CA VAL C 35 9.45 19.21 9.42
C VAL C 35 9.70 20.05 8.19
N ARG C 36 9.12 19.63 7.07
CA ARG C 36 9.26 20.37 5.82
C ARG C 36 7.93 20.36 5.09
N VAL C 37 7.41 21.54 4.77
CA VAL C 37 6.12 21.70 4.12
C VAL C 37 6.38 22.10 2.66
N HIS C 38 6.10 21.20 1.72
CA HIS C 38 6.43 21.46 0.32
C HIS C 38 5.40 22.32 -0.39
N ARG C 39 4.15 22.28 0.08
CA ARG C 39 3.03 22.84 -0.67
C ARG C 39 1.89 23.07 0.30
N THR C 40 1.09 24.09 0.00
CA THR C 40 -0.12 24.39 0.76
C THR C 40 -1.19 24.90 -0.19
N TYR C 41 -2.40 24.40 -0.02
CA TYR C 41 -3.53 24.92 -0.77
C TYR C 41 -4.79 24.72 0.05
N GLU C 42 -5.81 25.51 -0.28
CA GLU C 42 -7.16 25.35 0.23
C GLU C 42 -8.04 24.78 -0.86
N ASP C 43 -8.96 23.89 -0.48
CA ASP C 43 -9.99 23.46 -1.40
C ASP C 43 -11.34 23.56 -0.70
N ASP C 44 -12.36 22.87 -1.20
CA ASP C 44 -13.65 22.90 -0.52
C ASP C 44 -13.64 22.04 0.74
N THR C 45 -12.76 21.05 0.81
CA THR C 45 -12.68 20.18 1.98
C THR C 45 -12.00 20.88 3.14
N GLY C 46 -10.99 21.68 2.87
CA GLY C 46 -10.25 22.28 3.97
C GLY C 46 -8.88 22.78 3.57
N LEU C 47 -7.91 22.64 4.47
CA LEU C 47 -6.58 23.21 4.29
C LEU C 47 -5.55 22.09 4.33
N TRP C 48 -4.69 22.05 3.33
CA TRP C 48 -3.91 20.84 3.11
C TRP C 48 -2.42 21.15 3.05
N PHE C 49 -1.62 20.28 3.66
CA PHE C 49 -0.18 20.45 3.78
C PHE C 49 0.51 19.20 3.29
N ASP C 50 1.36 19.34 2.27
CA ASP C 50 2.21 18.23 1.84
C ASP C 50 3.50 18.31 2.65
N THR C 51 3.82 17.25 3.38
CA THR C 51 4.68 17.28 4.54
C THR C 51 5.61 16.09 4.59
N SER C 52 6.86 16.36 4.96
CA SER C 52 7.82 15.31 5.28
C SER C 52 8.47 15.67 6.61
N GLN C 53 8.48 14.73 7.54
CA GLN C 53 9.09 14.94 8.84
C GLN C 53 10.03 13.80 9.16
N GLY C 54 11.21 14.13 9.67
CA GLY C 54 12.12 13.09 10.12
C GLY C 54 13.57 13.58 10.08
N SER C 55 14.46 12.60 10.04
CA SER C 55 15.89 12.83 10.20
C SER C 55 16.63 11.93 9.20
N LYS C 56 17.89 11.63 9.53
CA LYS C 56 18.57 10.55 8.82
C LYS C 56 18.00 9.19 9.22
N ASN C 57 17.46 9.07 10.44
CA ASN C 57 17.03 7.78 10.94
C ASN C 57 15.76 7.32 10.25
N GLY C 58 14.86 8.24 9.97
CA GLY C 58 13.56 7.89 9.44
C GLY C 58 12.80 9.08 8.89
N ILE C 59 12.22 8.93 7.71
CA ILE C 59 11.48 9.99 7.05
C ILE C 59 10.07 9.47 6.75
N MET C 60 9.07 10.29 7.09
CA MET C 60 7.68 9.95 6.87
C MET C 60 7.03 11.05 6.03
N ASP C 61 6.44 10.67 4.90
CA ASP C 61 5.68 11.62 4.11
C ASP C 61 4.24 11.50 4.52
N TYR C 62 3.53 12.63 4.55
CA TYR C 62 2.13 12.58 4.93
C TYR C 62 1.45 13.89 4.57
N LYS C 63 0.12 13.85 4.60
CA LYS C 63 -0.72 14.95 4.18
C LYS C 63 -1.59 15.33 5.37
N LEU C 64 -1.56 16.61 5.72
CA LEU C 64 -2.32 17.10 6.86
C LEU C 64 -3.44 17.97 6.33
N GLY C 65 -4.67 17.67 6.76
CA GLY C 65 -5.82 18.49 6.46
C GLY C 65 -6.47 19.02 7.71
N PHE C 66 -7.03 20.22 7.60
CA PHE C 66 -7.71 20.89 8.68
C PHE C 66 -9.12 21.25 8.21
N VAL C 67 -10.12 20.93 9.03
CA VAL C 67 -11.53 21.07 8.63
C VAL C 67 -12.37 21.70 9.73
N ASP C 78 -14.57 24.17 16.04
CA ASP C 78 -13.73 23.09 16.54
C ASP C 78 -13.08 22.35 15.37
N THR C 79 -11.81 22.62 15.10
CA THR C 79 -11.19 22.11 13.88
C THR C 79 -10.80 20.65 14.02
N GLU C 80 -11.00 19.91 12.93
CA GLU C 80 -10.67 18.50 12.82
C GLU C 80 -9.41 18.34 11.98
N VAL C 81 -8.54 17.44 12.41
CA VAL C 81 -7.30 17.14 11.70
C VAL C 81 -7.45 15.82 10.97
N ILE C 82 -7.01 15.78 9.71
CA ILE C 82 -6.95 14.55 8.94
C ILE C 82 -5.49 14.32 8.58
N TYR C 83 -5.03 13.09 8.77
CA TYR C 83 -3.65 12.69 8.52
C TYR C 83 -3.63 11.50 7.58
N VAL C 84 -2.91 11.62 6.47
CA VAL C 84 -2.86 10.62 5.42
C VAL C 84 -1.41 10.25 5.16
N PRO C 85 -0.96 9.06 5.58
CA PRO C 85 0.43 8.65 5.31
C PRO C 85 0.66 8.57 3.82
N LEU C 86 1.85 8.98 3.38
CA LEU C 86 2.19 8.95 1.95
C LEU C 86 3.42 8.08 1.75
N LEU C 87 3.21 6.86 1.24
CA LEU C 87 4.25 5.86 1.14
C LEU C 87 4.87 5.71 -0.25
N LYS C 88 4.32 6.39 -1.27
CA LYS C 88 4.84 6.25 -2.63
C LYS C 88 6.35 6.43 -2.68
N GLN C 89 6.87 7.43 -1.95
CA GLN C 89 8.28 7.79 -2.07
C GLN C 89 9.21 6.89 -1.26
N ARG C 90 8.69 6.15 -0.28
CA ARG C 90 9.55 5.28 0.49
C ARG C 90 10.02 4.09 -0.33
N THR C 91 11.20 3.59 0.00
CA THR C 91 11.68 2.36 -0.62
C THR C 91 11.00 1.18 0.07
N ALA C 92 11.16 0.00 -0.54
CA ALA C 92 10.80 -1.24 0.16
C ALA C 92 11.55 -1.32 1.48
N GLU C 93 12.88 -1.11 1.44
CA GLU C 93 13.66 -1.18 2.67
C GLU C 93 13.10 -0.24 3.71
N GLU C 94 12.92 1.03 3.32
CA GLU C 94 12.50 2.06 4.25
C GLU C 94 11.20 1.68 4.93
N LEU C 95 10.28 1.09 4.16
CA LEU C 95 9.03 0.58 4.72
C LEU C 95 9.32 -0.47 5.79
N GLN C 96 10.22 -1.40 5.48
CA GLN C 96 10.53 -2.46 6.42
C GLN C 96 10.98 -1.88 7.74
N GLU C 97 11.96 -0.98 7.70
CA GLU C 97 12.36 -0.24 8.89
C GLU C 97 11.17 0.49 9.51
N LEU C 98 10.45 1.25 8.68
CA LEU C 98 9.30 1.99 9.15
C LEU C 98 8.28 1.08 9.83
N GLN C 99 7.98 -0.06 9.22
CA GLN C 99 6.95 -0.94 9.75
C GLN C 99 7.35 -1.49 11.11
N LYS C 100 8.65 -1.70 11.31
CA LYS C 100 9.14 -2.08 12.63
C LYS C 100 9.29 -0.87 13.54
N LYS C 101 9.29 0.33 12.95
CA LYS C 101 9.44 1.56 13.74
C LYS C 101 8.08 2.13 14.17
N LEU C 102 7.06 2.17 13.23
CA LEU C 102 5.86 2.95 13.55
C LEU C 102 4.75 2.07 14.13
N PRO C 103 3.96 2.61 15.05
CA PRO C 103 2.80 1.88 15.55
C PRO C 103 1.76 1.77 14.46
N ASP C 104 0.93 0.73 14.55
CA ASP C 104 -0.01 0.43 13.48
C ASP C 104 -0.81 1.67 13.09
N TYR C 105 -1.44 2.33 14.07
CA TYR C 105 -2.37 3.42 13.75
C TYR C 105 -1.72 4.48 12.87
N LEU C 106 -0.41 4.71 13.00
CA LEU C 106 0.28 5.70 12.17
C LEU C 106 0.35 5.28 10.70
N PHE C 107 0.09 4.01 10.39
CA PHE C 107 0.02 3.68 8.98
C PHE C 107 -1.37 3.94 8.41
N GLU C 108 -2.32 4.27 9.27
CA GLU C 108 -3.71 4.42 8.87
C GLU C 108 -4.03 5.89 8.59
N THR C 109 -5.22 6.11 8.04
CA THR C 109 -5.72 7.46 7.82
C THR C 109 -6.54 7.88 9.04
N LEU C 110 -6.13 8.98 9.66
CA LEU C 110 -6.61 9.32 10.99
C LEU C 110 -7.36 10.65 10.99
N SER C 111 -8.13 10.83 12.06
CA SER C 111 -8.88 12.04 12.30
C SER C 111 -8.81 12.29 13.79
N PHE C 112 -8.40 13.50 14.19
CA PHE C 112 -8.29 13.80 15.62
C PHE C 112 -8.47 15.30 15.80
N PRO C 113 -8.70 15.75 17.03
CA PRO C 113 -8.91 17.18 17.27
C PRO C 113 -7.61 17.96 17.15
N LEU C 114 -7.77 19.26 16.88
CA LEU C 114 -6.60 20.12 16.66
C LEU C 114 -5.66 20.10 17.84
N ARG C 115 -6.22 20.20 19.06
CA ARG C 115 -5.40 20.28 20.26
C ARG C 115 -4.40 19.14 20.35
N SER C 116 -4.75 17.98 19.80
CA SER C 116 -3.87 16.83 19.88
C SER C 116 -2.78 16.84 18.82
N LEU C 117 -2.64 17.91 18.04
CA LEU C 117 -1.72 17.89 16.90
C LEU C 117 -0.27 17.77 17.35
N ASN C 118 0.10 18.41 18.46
CA ASN C 118 1.51 18.40 18.83
C ASN C 118 1.91 17.04 19.39
N GLN C 119 1.04 16.43 20.20
CA GLN C 119 1.31 15.07 20.63
C GLN C 119 1.29 14.11 19.43
N PHE C 120 0.60 14.49 18.35
CA PHE C 120 0.80 13.75 17.11
C PHE C 120 2.22 13.89 16.61
N TYR C 121 2.72 15.14 16.60
CA TYR C 121 4.05 15.41 16.08
C TYR C 121 5.11 14.71 16.92
N ILE C 122 4.90 14.64 18.22
CA ILE C 122 5.88 14.03 19.11
C ILE C 122 5.93 12.53 18.90
N LYS C 123 4.76 11.88 18.80
CA LYS C 123 4.70 10.46 18.48
C LYS C 123 5.47 10.13 17.20
N MET C 124 5.22 10.89 16.13
CA MET C 124 5.90 10.62 14.87
C MET C 124 7.41 10.73 15.01
N SER C 125 7.89 11.75 15.75
CA SER C 125 9.33 11.98 15.93
C SER C 125 9.98 10.88 16.74
N LYS C 126 9.43 10.56 17.91
CA LYS C 126 9.89 9.41 18.66
C LYS C 126 9.86 8.14 17.81
N SER C 127 8.74 7.89 17.14
CA SER C 127 8.58 6.64 16.40
C SER C 127 9.62 6.50 15.28
N LEU C 128 10.01 7.60 14.63
CA LEU C 128 11.03 7.47 13.59
C LEU C 128 12.42 7.29 14.19
N ASN C 129 12.67 7.97 15.32
CA ASN C 129 13.97 7.90 15.97
C ASN C 129 14.29 6.53 16.54
N LYS C 130 13.27 5.74 16.88
CA LYS C 130 13.51 4.49 17.60
C LYS C 130 14.45 3.58 16.80
N LYS C 131 15.40 2.95 17.50
CA LYS C 131 16.39 2.11 16.87
C LYS C 131 15.77 0.83 16.32
N VAL C 132 16.49 0.19 15.39
CA VAL C 132 16.04 -1.02 14.69
C VAL C 132 16.60 -2.30 15.32
N LEU D 2 20.23 1.18 8.00
CA LEU D 2 19.63 1.98 6.94
C LEU D 2 19.47 3.42 7.39
N LYS D 3 19.89 4.32 6.52
CA LYS D 3 19.66 5.76 6.70
C LYS D 3 18.71 6.19 5.59
N PHE D 4 17.58 6.78 5.98
CA PHE D 4 16.67 7.38 5.02
C PHE D 4 17.34 8.55 4.32
N LYS D 5 17.14 8.67 3.02
CA LYS D 5 17.72 9.75 2.25
C LYS D 5 16.72 10.89 2.11
N ARG D 6 17.20 12.12 2.28
CA ARG D 6 16.34 13.29 2.12
C ARG D 6 15.99 13.48 0.65
N HIS D 7 14.71 13.74 0.38
CA HIS D 7 14.25 13.92 -0.99
C HIS D 7 14.23 15.40 -1.35
N LYS D 8 14.48 15.68 -2.63
CA LYS D 8 14.60 17.05 -3.11
C LYS D 8 13.23 17.72 -3.18
N ASN D 9 13.23 19.05 -3.08
CA ASN D 9 12.01 19.84 -3.06
C ASN D 9 11.21 19.60 -4.35
N PRO D 16 -3.99 22.84 -7.39
CA PRO D 16 -4.42 21.48 -7.02
C PRO D 16 -5.22 20.80 -8.11
N THR D 17 -4.81 19.59 -8.52
CA THR D 17 -5.55 18.87 -9.55
C THR D 17 -6.87 18.34 -9.02
N LEU D 18 -7.79 18.10 -9.95
CA LEU D 18 -9.06 17.48 -9.61
C LEU D 18 -8.85 16.17 -8.89
N GLY D 19 -7.91 15.36 -9.37
CA GLY D 19 -7.56 14.14 -8.68
C GLY D 19 -7.28 14.35 -7.20
N GLU D 20 -6.44 15.35 -6.89
CA GLU D 20 -6.06 15.56 -5.49
C GLU D 20 -7.25 16.01 -4.66
N ARG D 21 -8.03 16.96 -5.18
CA ARG D 21 -9.30 17.31 -4.56
C ARG D 21 -10.11 16.07 -4.22
N LEU D 22 -10.34 15.20 -5.21
CA LEU D 22 -11.16 14.02 -4.98
C LEU D 22 -10.52 13.12 -3.93
N ASP D 23 -9.23 12.87 -4.06
CA ASP D 23 -8.53 12.02 -3.11
C ASP D 23 -8.72 12.51 -1.69
N ASN D 24 -8.72 13.83 -1.50
CA ASN D 24 -9.01 14.41 -0.19
C ASN D 24 -10.37 13.97 0.31
N LEU D 25 -11.39 14.05 -0.56
CA LEU D 25 -12.74 13.65 -0.17
C LEU D 25 -12.80 12.21 0.31
N GLN D 26 -12.13 11.30 -0.40
CA GLN D 26 -12.11 9.91 0.03
C GLN D 26 -11.41 9.78 1.37
N ASP D 27 -10.25 10.44 1.51
CA ASP D 27 -9.48 10.34 2.73
C ASP D 27 -10.28 10.77 3.94
N ILE D 28 -11.08 11.84 3.82
CA ILE D 28 -12.03 12.18 4.88
C ILE D 28 -12.91 10.98 5.22
N LYS D 29 -13.52 10.36 4.20
CA LYS D 29 -14.48 9.28 4.44
C LYS D 29 -13.80 8.06 5.05
N LYS D 30 -12.57 7.77 4.61
CA LYS D 30 -11.82 6.66 5.19
C LYS D 30 -11.40 6.92 6.63
N ALA D 31 -11.21 8.18 7.02
CA ALA D 31 -10.41 8.47 8.20
C ALA D 31 -11.05 7.92 9.47
N LYS D 32 -10.22 7.27 10.30
CA LYS D 32 -10.64 6.74 11.59
C LYS D 32 -10.44 7.79 12.68
N ARG D 33 -11.52 8.16 13.33
CA ARG D 33 -11.46 9.14 14.40
C ARG D 33 -10.75 8.55 15.61
N VAL D 34 -9.79 9.31 16.12
CA VAL D 34 -9.04 9.03 17.34
C VAL D 34 -8.99 10.34 18.09
N GLU D 35 -8.89 10.28 19.42
CA GLU D 35 -8.90 11.52 20.19
C GLU D 35 -7.60 11.82 20.94
N ASN D 36 -6.85 10.79 21.33
CA ASN D 36 -5.57 10.97 22.00
C ASN D 36 -4.55 10.03 21.38
N PHE D 37 -3.28 10.34 21.61
CA PHE D 37 -2.20 9.45 21.21
C PHE D 37 -1.47 8.96 22.45
N LEU E 13 -9.27 29.66 -8.54
CA LEU E 13 -10.10 29.36 -7.37
C LEU E 13 -9.51 29.88 -6.09
N TYR E 14 -9.23 28.98 -5.14
CA TYR E 14 -8.78 29.33 -3.79
C TYR E 14 -7.39 29.96 -3.78
N PHE E 15 -7.29 31.21 -4.22
CA PHE E 15 -5.99 31.84 -4.35
C PHE E 15 -5.46 32.26 -2.98
N GLN E 16 -4.22 31.87 -2.69
CA GLN E 16 -3.51 32.28 -1.48
C GLN E 16 -2.39 33.24 -1.86
N SER E 17 -2.39 34.42 -1.25
CA SER E 17 -1.29 35.35 -1.49
C SER E 17 -0.02 34.88 -0.77
N ASN E 18 1.10 35.42 -1.22
CA ASN E 18 2.38 35.14 -0.55
C ASN E 18 2.29 35.45 0.93
N ALA E 19 1.71 36.59 1.28
CA ALA E 19 1.52 36.95 2.69
C ALA E 19 0.63 35.93 3.41
N GLU E 20 -0.53 35.62 2.83
CA GLU E 20 -1.45 34.67 3.47
C GLU E 20 -0.76 33.35 3.74
N THR E 21 0.08 32.88 2.82
CA THR E 21 0.78 31.62 3.02
C THR E 21 1.66 31.68 4.27
N ILE E 22 2.42 32.77 4.42
CA ILE E 22 3.28 32.93 5.59
C ILE E 22 2.48 32.73 6.87
N GLU E 23 1.29 33.33 6.94
CA GLU E 23 0.49 33.15 8.14
C GLU E 23 0.00 31.72 8.28
N ILE E 24 -0.31 31.06 7.16
CA ILE E 24 -0.79 29.67 7.24
C ILE E 24 0.33 28.76 7.72
N ILE E 25 1.55 28.99 7.23
CA ILE E 25 2.68 28.16 7.67
C ILE E 25 2.98 28.42 9.14
N LYS E 26 2.99 29.69 9.55
CA LYS E 26 3.21 30.01 10.96
C LYS E 26 2.18 29.31 11.83
N ASP E 27 0.89 29.50 11.51
CA ASP E 27 -0.18 28.87 12.28
C ASP E 27 0.05 27.37 12.40
N LEU E 28 0.44 26.75 11.30
CA LEU E 28 0.69 25.31 11.33
C LEU E 28 1.71 24.96 12.42
N PHE E 29 2.90 25.55 12.35
CA PHE E 29 3.96 25.13 13.26
C PHE E 29 3.69 25.48 14.72
N GLU E 30 2.80 26.44 15.00
CA GLU E 30 2.45 26.65 16.40
C GLU E 30 1.76 25.41 16.96
N HIS E 31 0.71 24.94 16.26
CA HIS E 31 -0.04 23.77 16.70
C HIS E 31 0.81 22.50 16.59
N LEU E 32 1.60 22.38 15.53
CA LEU E 32 2.39 21.17 15.32
C LEU E 32 3.56 21.08 16.30
N CYS E 33 4.33 22.15 16.44
CA CYS E 33 5.63 22.07 17.10
C CYS E 33 5.79 22.93 18.35
N GLY E 34 4.82 23.78 18.68
CA GLY E 34 4.94 24.64 19.84
C GLY E 34 5.84 25.81 19.60
N VAL E 35 5.96 26.26 18.35
CA VAL E 35 6.89 27.30 17.97
C VAL E 35 6.13 28.36 17.20
N ARG E 36 6.50 29.62 17.45
CA ARG E 36 5.90 30.76 16.80
C ARG E 36 7.00 31.75 16.45
N VAL E 37 7.12 32.09 15.17
CA VAL E 37 8.09 33.05 14.69
C VAL E 37 7.35 34.34 14.39
N HIS E 38 7.56 35.37 15.21
CA HIS E 38 6.80 36.59 15.01
C HIS E 38 7.42 37.49 13.93
N ARG E 39 8.74 37.44 13.75
CA ARG E 39 9.43 38.39 12.88
C ARG E 39 10.73 37.78 12.38
N THR E 40 11.09 38.08 11.13
CA THR E 40 12.39 37.71 10.60
C THR E 40 12.98 38.86 9.80
N TYR E 41 14.28 39.08 9.96
CA TYR E 41 14.99 40.04 9.13
C TYR E 41 16.44 39.58 8.97
N GLU E 42 17.09 40.13 7.95
CA GLU E 42 18.52 40.00 7.76
C GLU E 42 19.18 41.34 8.07
N ASP E 43 20.37 41.29 8.66
CA ASP E 43 21.20 42.47 8.80
C ASP E 43 22.60 42.07 8.35
N ASP E 44 23.60 42.85 8.75
CA ASP E 44 24.98 42.50 8.43
C ASP E 44 25.45 41.28 9.23
N THR E 45 24.92 41.08 10.43
CA THR E 45 25.37 39.99 11.30
C THR E 45 24.89 38.63 10.81
N GLY E 46 23.71 38.58 10.23
CA GLY E 46 23.14 37.32 9.82
C GLY E 46 21.62 37.42 9.82
N LEU E 47 20.99 36.26 10.03
CA LEU E 47 19.56 36.08 9.87
C LEU E 47 18.90 35.82 11.22
N TRP E 48 17.81 36.52 11.52
CA TRP E 48 17.36 36.61 12.90
C TRP E 48 15.89 36.30 13.01
N PHE E 49 15.54 35.53 14.04
CA PHE E 49 14.18 35.08 14.26
C PHE E 49 13.73 35.46 15.67
N ASP E 50 12.59 36.15 15.76
CA ASP E 50 12.00 36.45 17.06
C ASP E 50 10.98 35.36 17.34
N THR E 51 11.13 34.69 18.49
CA THR E 51 10.65 33.34 18.65
C THR E 51 10.10 33.09 20.04
N SER E 52 8.94 32.44 20.08
CA SER E 52 8.37 31.93 21.32
C SER E 52 8.01 30.47 21.10
N GLN E 53 8.55 29.60 21.94
CA GLN E 53 8.20 28.19 21.90
C GLN E 53 7.69 27.74 23.26
N GLY E 54 6.62 26.93 23.24
CA GLY E 54 6.14 26.36 24.47
C GLY E 54 4.67 25.99 24.37
N SER E 55 4.07 25.86 25.54
CA SER E 55 2.70 25.40 25.70
C SER E 55 2.07 26.20 26.83
N LYS E 56 1.04 25.63 27.46
CA LYS E 56 0.56 26.21 28.69
C LYS E 56 1.54 25.98 29.84
N ASN E 57 2.26 24.85 29.81
CA ASN E 57 3.18 24.53 30.91
C ASN E 57 4.27 25.57 31.03
N GLY E 58 4.79 26.03 29.91
CA GLY E 58 5.95 26.89 29.94
C GLY E 58 6.22 27.53 28.59
N ILE E 59 6.53 28.82 28.61
CA ILE E 59 6.82 29.57 27.39
C ILE E 59 8.18 30.23 27.53
N MET E 60 8.98 30.15 26.47
CA MET E 60 10.31 30.71 26.45
C MET E 60 10.48 31.57 25.21
N ASP E 61 10.51 32.89 25.39
CA ASP E 61 10.87 33.76 24.29
C ASP E 61 12.38 33.70 24.10
N TYR E 62 12.81 33.90 22.85
CA TYR E 62 14.22 33.85 22.51
C TYR E 62 14.45 34.27 21.05
N LYS E 63 15.70 34.64 20.76
CA LYS E 63 16.11 35.13 19.46
C LYS E 63 17.12 34.16 18.83
N LEU E 64 16.88 33.80 17.57
CA LEU E 64 17.78 32.89 16.87
C LEU E 64 18.45 33.64 15.73
N GLY E 65 19.78 33.53 15.69
CA GLY E 65 20.57 34.05 14.59
C GLY E 65 21.38 32.98 13.91
N PHE E 66 21.66 33.21 12.62
CA PHE E 66 22.37 32.26 11.78
C PHE E 66 23.50 33.00 11.08
N VAL E 67 24.71 32.47 11.17
CA VAL E 67 25.90 33.17 10.66
C VAL E 67 26.77 32.26 9.81
N THR E 79 27.36 26.32 9.52
CA THR E 79 26.84 27.63 9.90
C THR E 79 26.63 27.72 11.41
N GLU E 80 27.06 28.84 11.97
CA GLU E 80 26.93 29.08 13.40
C GLU E 80 25.51 29.54 13.75
N VAL E 81 24.99 29.02 14.85
CA VAL E 81 23.71 29.47 15.41
C VAL E 81 24.00 30.25 16.68
N ILE E 82 23.32 31.38 16.85
CA ILE E 82 23.35 32.14 18.08
C ILE E 82 21.95 32.09 18.71
N TYR E 83 21.90 31.69 19.98
CA TYR E 83 20.67 31.66 20.77
C TYR E 83 20.73 32.67 21.89
N VAL E 84 19.73 33.54 21.97
CA VAL E 84 19.66 34.56 23.01
C VAL E 84 18.34 34.50 23.70
N PRO E 85 18.28 34.15 25.00
CA PRO E 85 17.03 34.10 25.74
C PRO E 85 16.44 35.50 25.91
N LEU E 86 15.12 35.62 25.79
CA LEU E 86 14.43 36.88 26.03
C LEU E 86 13.51 36.74 27.25
N LEU E 87 13.85 37.44 28.35
CA LEU E 87 13.09 37.34 29.60
C LEU E 87 12.25 38.58 29.92
N LYS E 88 12.31 39.62 29.07
CA LYS E 88 11.49 40.81 29.28
C LYS E 88 10.02 40.46 29.50
N GLN E 89 9.46 39.56 28.69
CA GLN E 89 8.02 39.35 28.69
C GLN E 89 7.55 38.43 29.82
N ARG E 90 8.41 37.53 30.30
CA ARG E 90 8.01 36.68 31.41
C ARG E 90 7.71 37.51 32.66
N THR E 91 6.73 37.06 33.43
CA THR E 91 6.49 37.63 34.74
C THR E 91 7.50 37.08 35.74
N ALA E 92 7.56 37.72 36.91
CA ALA E 92 8.43 37.22 37.97
C ALA E 92 8.12 35.76 38.30
N GLU E 93 6.83 35.42 38.40
CA GLU E 93 6.45 34.05 38.68
C GLU E 93 6.98 33.10 37.62
N GLU E 94 6.69 33.42 36.35
CA GLU E 94 7.07 32.55 35.25
C GLU E 94 8.56 32.27 35.28
N LEU E 95 9.36 33.29 35.62
CA LEU E 95 10.78 33.08 35.83
C LEU E 95 11.04 32.04 36.89
N GLN E 96 10.40 32.21 38.06
CA GLN E 96 10.59 31.27 39.14
C GLN E 96 10.33 29.85 38.67
N GLU E 97 9.18 29.63 38.01
CA GLU E 97 8.91 28.33 37.42
C GLU E 97 9.96 27.97 36.37
N LEU E 98 10.26 28.91 35.48
CA LEU E 98 11.32 28.71 34.50
C LEU E 98 12.63 28.33 35.15
N GLN E 99 13.07 29.11 36.14
CA GLN E 99 14.41 28.93 36.70
C GLN E 99 14.57 27.54 37.29
N LYS E 100 13.49 26.98 37.83
CA LYS E 100 13.52 25.62 38.33
C LYS E 100 13.26 24.61 37.22
N LYS E 101 12.75 25.07 36.08
CA LYS E 101 12.51 24.16 34.96
C LYS E 101 13.73 24.06 34.05
N LEU E 102 14.55 25.21 33.90
CA LEU E 102 15.49 25.14 32.78
C LEU E 102 16.92 24.92 33.25
N PRO E 103 17.73 24.25 32.43
CA PRO E 103 19.16 24.12 32.73
C PRO E 103 19.83 25.48 32.68
N ASP E 104 20.93 25.61 33.44
CA ASP E 104 21.61 26.90 33.51
C ASP E 104 21.91 27.44 32.12
N TYR E 105 22.48 26.62 31.24
CA TYR E 105 22.97 27.14 29.97
C TYR E 105 21.85 27.70 29.10
N LEU E 106 20.60 27.33 29.37
CA LEU E 106 19.48 27.83 28.59
C LEU E 106 19.16 29.27 28.91
N PHE E 107 19.62 29.77 30.05
CA PHE E 107 19.50 31.18 30.40
C PHE E 107 20.66 32.02 29.88
N GLU E 108 21.70 31.37 29.38
CA GLU E 108 22.87 32.04 28.84
C GLU E 108 22.72 32.27 27.35
N THR E 109 23.48 33.23 26.84
CA THR E 109 23.56 33.46 25.40
C THR E 109 24.54 32.47 24.78
N LEU E 110 24.06 31.70 23.81
CA LEU E 110 24.80 30.54 23.33
C LEU E 110 25.12 30.65 21.85
N SER E 111 26.13 29.91 21.44
CA SER E 111 26.53 29.74 20.05
C SER E 111 26.86 28.28 19.84
N PHE E 112 26.30 27.69 18.79
CA PHE E 112 26.49 26.26 18.54
C PHE E 112 26.33 26.00 17.05
N PRO E 113 26.71 24.81 16.59
CA PRO E 113 26.57 24.50 15.17
C PRO E 113 25.11 24.29 14.76
N LEU E 114 24.87 24.45 13.47
CA LEU E 114 23.51 24.34 12.94
C LEU E 114 22.94 22.94 13.18
N ARG E 115 23.75 21.90 12.93
CA ARG E 115 23.27 20.53 13.01
C ARG E 115 22.65 20.23 14.37
N SER E 116 23.09 20.94 15.40
CA SER E 116 22.59 20.74 16.75
C SER E 116 21.31 21.51 17.03
N LEU E 117 20.73 22.18 16.02
CA LEU E 117 19.54 23.00 16.26
C LEU E 117 18.35 22.18 16.75
N ASN E 118 18.17 20.95 16.24
CA ASN E 118 17.00 20.18 16.67
C ASN E 118 17.19 19.63 18.08
N GLN E 119 18.42 19.24 18.44
CA GLN E 119 18.70 18.88 19.84
C GLN E 119 18.41 20.07 20.74
N PHE E 120 18.72 21.27 20.28
CA PHE E 120 18.33 22.47 21.03
C PHE E 120 16.82 22.51 21.21
N TYR E 121 16.09 22.28 20.12
CA TYR E 121 14.64 22.39 20.16
C TYR E 121 14.03 21.34 21.09
N ILE E 122 14.61 20.15 21.09
CA ILE E 122 14.09 19.09 21.95
C ILE E 122 14.34 19.41 23.42
N LYS E 123 15.57 19.85 23.74
CA LYS E 123 15.92 20.18 25.12
C LYS E 123 15.06 21.30 25.67
N MET E 124 14.79 22.32 24.86
CA MET E 124 13.87 23.36 25.29
C MET E 124 12.49 22.81 25.59
N SER E 125 11.99 21.93 24.69
CA SER E 125 10.63 21.42 24.79
C SER E 125 10.44 20.50 25.99
N LYS E 126 11.38 19.57 26.18
CA LYS E 126 11.40 18.79 27.41
C LYS E 126 11.49 19.69 28.62
N SER E 127 12.41 20.67 28.59
CA SER E 127 12.67 21.48 29.78
C SER E 127 11.46 22.32 30.16
N LEU E 128 10.71 22.81 29.16
CA LEU E 128 9.49 23.54 29.50
C LEU E 128 8.45 22.63 30.12
N ASN E 129 8.40 21.37 29.64
CA ASN E 129 7.35 20.43 30.03
C ASN E 129 7.54 19.91 31.45
N LYS E 130 8.77 19.84 31.94
CA LYS E 130 9.01 19.19 33.23
C LYS E 130 8.19 19.85 34.33
N LYS E 131 7.83 19.05 35.33
CA LYS E 131 7.00 19.51 36.44
C LYS E 131 7.79 20.38 37.43
N VAL E 132 7.06 20.97 38.37
CA VAL E 132 7.60 21.81 39.44
C VAL E 132 7.17 21.31 40.81
N LEU F 2 1.11 26.42 37.78
CA LEU F 2 1.11 27.64 36.97
C LEU F 2 0.98 27.30 35.49
N LYS F 3 0.15 28.08 34.79
CA LYS F 3 0.02 27.98 33.35
C LYS F 3 0.48 29.29 32.73
N PHE F 4 1.51 29.22 31.89
CA PHE F 4 2.00 30.40 31.17
C PHE F 4 0.95 30.86 30.17
N LYS F 5 0.69 32.16 30.14
CA LYS F 5 -0.32 32.70 29.23
C LYS F 5 0.30 32.97 27.86
N ARG F 6 -0.47 32.65 26.81
CA ARG F 6 -0.02 32.92 25.46
C ARG F 6 -0.07 34.42 25.18
N HIS F 7 1.01 34.95 24.61
CA HIS F 7 1.08 36.36 24.28
C HIS F 7 0.57 36.60 22.88
N LYS F 8 -0.09 37.75 22.69
CA LYS F 8 -0.66 38.12 21.41
C LYS F 8 0.43 38.54 20.43
N ASN F 9 0.17 38.30 19.16
CA ASN F 9 1.14 38.57 18.10
C ASN F 9 1.53 40.06 18.08
N PRO F 16 14.25 46.62 10.86
CA PRO F 16 15.05 46.44 12.08
C PRO F 16 15.69 47.73 12.59
N THR F 17 15.43 48.07 13.85
CA THR F 17 16.02 49.28 14.39
C THR F 17 17.53 49.13 14.52
N LEU F 18 18.19 50.29 14.59
CA LEU F 18 19.63 50.31 14.83
C LEU F 18 19.96 49.63 16.15
N GLY F 19 19.16 49.87 17.18
CA GLY F 19 19.43 49.26 18.48
C GLY F 19 19.44 47.75 18.39
N GLU F 20 18.40 47.18 17.77
CA GLU F 20 18.37 45.75 17.55
C GLU F 20 19.62 45.28 16.83
N ARG F 21 19.93 45.87 15.69
CA ARG F 21 21.16 45.55 14.99
C ARG F 21 22.35 45.49 15.96
N LEU F 22 22.54 46.57 16.74
CA LEU F 22 23.70 46.64 17.61
C LEU F 22 23.67 45.55 18.68
N ASP F 23 22.51 45.39 19.32
CA ASP F 23 22.35 44.31 20.31
C ASP F 23 22.76 42.96 19.75
N ASN F 24 22.51 42.72 18.46
CA ASN F 24 22.96 41.47 17.86
C ASN F 24 24.48 41.37 17.89
N LEU F 25 25.15 42.50 17.63
CA LEU F 25 26.61 42.53 17.68
C LEU F 25 27.13 42.17 19.06
N GLN F 26 26.48 42.71 20.10
CA GLN F 26 26.87 42.34 21.45
C GLN F 26 26.60 40.87 21.72
N ASP F 27 25.39 40.42 21.37
CA ASP F 27 25.02 39.03 21.64
C ASP F 27 25.96 38.06 20.96
N ILE F 28 26.41 38.36 19.74
CA ILE F 28 27.36 37.46 19.13
C ILE F 28 28.68 37.46 19.90
N LYS F 29 29.10 38.61 20.46
CA LYS F 29 30.35 38.64 21.21
C LYS F 29 30.21 37.94 22.54
N LYS F 30 29.03 38.04 23.16
CA LYS F 30 28.81 37.41 24.45
C LYS F 30 28.73 35.88 24.36
N ALA F 31 28.38 35.33 23.20
CA ALA F 31 27.82 33.98 23.16
C ALA F 31 28.86 32.92 23.49
N LYS F 32 28.51 32.02 24.40
CA LYS F 32 29.37 30.92 24.82
C LYS F 32 29.27 29.79 23.81
N ARG F 33 30.37 29.45 23.18
CA ARG F 33 30.35 28.38 22.19
C ARG F 33 30.15 27.05 22.88
N VAL F 34 29.23 26.25 22.34
CA VAL F 34 28.87 24.92 22.81
C VAL F 34 28.60 24.10 21.57
N GLU F 35 28.81 22.78 21.64
CA GLU F 35 28.67 21.94 20.45
C GLU F 35 27.60 20.85 20.55
N ASN F 36 27.29 20.37 21.75
CA ASN F 36 26.28 19.35 21.97
C ASN F 36 25.32 19.85 23.04
N PHE F 37 24.08 19.36 22.98
CA PHE F 37 23.14 19.69 24.03
C PHE F 37 22.77 18.46 24.85
N LEU G 13 -35.65 -26.79 -6.41
CA LEU G 13 -35.45 -27.98 -5.60
C LEU G 13 -33.97 -28.27 -5.36
N TYR G 14 -33.07 -27.42 -5.88
CA TYR G 14 -31.62 -27.58 -5.66
C TYR G 14 -30.97 -26.20 -5.53
N PHE G 15 -31.38 -25.44 -4.52
CA PHE G 15 -30.90 -24.08 -4.36
C PHE G 15 -29.44 -24.08 -3.92
N GLN G 16 -28.60 -23.33 -4.64
CA GLN G 16 -27.21 -23.09 -4.28
C GLN G 16 -27.05 -21.64 -3.84
N SER G 17 -26.53 -21.44 -2.64
CA SER G 17 -26.23 -20.09 -2.18
C SER G 17 -24.99 -19.55 -2.88
N ASN G 18 -24.89 -18.22 -2.87
CA ASN G 18 -23.71 -17.55 -3.41
C ASN G 18 -22.44 -18.10 -2.79
N ALA G 19 -22.43 -18.24 -1.46
CA ALA G 19 -21.31 -18.85 -0.75
C ALA G 19 -21.01 -20.25 -1.27
N GLU G 20 -22.02 -21.13 -1.26
CA GLU G 20 -21.84 -22.51 -1.68
C GLU G 20 -21.27 -22.59 -3.09
N THR G 21 -21.62 -21.64 -3.96
CA THR G 21 -21.12 -21.69 -5.32
C THR G 21 -19.62 -21.44 -5.38
N ILE G 22 -19.14 -20.47 -4.60
CA ILE G 22 -17.70 -20.18 -4.53
C ILE G 22 -16.93 -21.45 -4.21
N GLU G 23 -17.45 -22.24 -3.28
CA GLU G 23 -16.76 -23.47 -2.92
C GLU G 23 -16.82 -24.49 -4.05
N ILE G 24 -17.95 -24.56 -4.76
CA ILE G 24 -18.08 -25.50 -5.86
C ILE G 24 -17.16 -25.11 -7.01
N ILE G 25 -17.06 -23.81 -7.31
CA ILE G 25 -16.16 -23.35 -8.36
C ILE G 25 -14.71 -23.56 -7.95
N LYS G 26 -14.40 -23.30 -6.68
CA LYS G 26 -13.05 -23.55 -6.19
C LYS G 26 -12.69 -25.01 -6.33
N ASP G 27 -13.57 -25.90 -5.86
CA ASP G 27 -13.33 -27.34 -5.97
C ASP G 27 -13.03 -27.72 -7.41
N LEU G 28 -13.86 -27.25 -8.33
CA LEU G 28 -13.66 -27.59 -9.74
C LEU G 28 -12.24 -27.25 -10.19
N PHE G 29 -11.79 -26.04 -9.96
CA PHE G 29 -10.54 -25.62 -10.59
C PHE G 29 -9.32 -26.31 -10.01
N GLU G 30 -9.42 -26.78 -8.77
CA GLU G 30 -8.32 -27.55 -8.20
C GLU G 30 -8.12 -28.84 -8.97
N HIS G 31 -9.21 -29.60 -9.16
CA HIS G 31 -9.12 -30.84 -9.93
C HIS G 31 -8.85 -30.55 -11.40
N LEU G 32 -9.57 -29.59 -11.97
CA LEU G 32 -9.38 -29.23 -13.38
C LEU G 32 -7.96 -28.77 -13.67
N CYS G 33 -7.50 -27.71 -12.96
CA CYS G 33 -6.30 -26.98 -13.36
C CYS G 33 -5.11 -27.05 -12.41
N GLY G 34 -5.27 -27.64 -11.23
CA GLY G 34 -4.17 -27.71 -10.29
C GLY G 34 -3.96 -26.42 -9.54
N VAL G 35 -5.00 -25.60 -9.43
CA VAL G 35 -4.94 -24.28 -8.80
C VAL G 35 -5.99 -24.24 -7.70
N ARG G 36 -5.66 -23.55 -6.62
CA ARG G 36 -6.58 -23.44 -5.50
C ARG G 36 -6.46 -22.04 -4.90
N VAL G 37 -7.53 -21.26 -4.96
CA VAL G 37 -7.53 -19.89 -4.46
C VAL G 37 -8.14 -19.88 -3.07
N HIS G 38 -7.32 -19.65 -2.06
CA HIS G 38 -7.77 -19.71 -0.67
C HIS G 38 -8.54 -18.46 -0.27
N ARG G 39 -8.06 -17.29 -0.71
CA ARG G 39 -8.52 -16.01 -0.19
C ARG G 39 -8.45 -14.97 -1.30
N THR G 40 -9.38 -14.02 -1.27
CA THR G 40 -9.38 -12.88 -2.16
C THR G 40 -9.79 -11.63 -1.41
N TYR G 41 -9.12 -10.53 -1.70
CA TYR G 41 -9.54 -9.25 -1.17
C TYR G 41 -9.05 -8.15 -2.08
N GLU G 42 -9.68 -6.98 -1.95
CA GLU G 42 -9.20 -5.76 -2.56
C GLU G 42 -8.67 -4.83 -1.49
N ASP G 43 -7.58 -4.12 -1.81
CA ASP G 43 -7.09 -3.02 -1.00
C ASP G 43 -6.90 -1.85 -1.96
N ASP G 44 -6.14 -0.83 -1.51
CA ASP G 44 -5.84 0.31 -2.38
C ASP G 44 -4.86 -0.04 -3.48
N THR G 45 -4.05 -1.08 -3.30
CA THR G 45 -3.02 -1.42 -4.28
C THR G 45 -3.59 -2.15 -5.48
N GLY G 46 -4.62 -2.98 -5.25
CA GLY G 46 -5.18 -3.79 -6.30
C GLY G 46 -5.89 -5.00 -5.70
N LEU G 47 -6.01 -6.03 -6.52
CA LEU G 47 -6.79 -7.23 -6.20
C LEU G 47 -5.84 -8.40 -5.97
N TRP G 48 -6.04 -9.11 -4.87
CA TRP G 48 -5.03 -10.06 -4.42
C TRP G 48 -5.61 -11.45 -4.23
N PHE G 49 -4.83 -12.46 -4.66
CA PHE G 49 -5.23 -13.86 -4.55
C PHE G 49 -4.14 -14.67 -3.86
N ASP G 50 -4.51 -15.34 -2.76
CA ASP G 50 -3.63 -16.29 -2.10
C ASP G 50 -3.83 -17.65 -2.77
N THR G 51 -2.73 -18.25 -3.22
CA THR G 51 -2.80 -19.29 -4.23
C THR G 51 -1.77 -20.39 -4.01
N SER G 52 -2.24 -21.63 -4.17
CA SER G 52 -1.35 -22.79 -4.26
C SER G 52 -1.69 -23.53 -5.55
N GLN G 53 -0.67 -23.79 -6.37
CA GLN G 53 -0.84 -24.50 -7.62
C GLN G 53 0.09 -25.72 -7.67
N GLY G 54 -0.42 -26.82 -8.18
CA GLY G 54 0.44 -27.98 -8.34
C GLY G 54 -0.32 -29.27 -8.09
N SER G 55 0.46 -30.30 -7.75
CA SER G 55 0.01 -31.68 -7.69
C SER G 55 0.72 -32.36 -6.53
N LYS G 56 0.86 -33.69 -6.61
CA LYS G 56 1.75 -34.37 -5.69
C LYS G 56 3.21 -34.13 -6.03
N ASN G 57 3.53 -33.96 -7.32
CA ASN G 57 4.91 -33.78 -7.73
C ASN G 57 5.50 -32.51 -7.14
N GLY G 58 4.79 -31.40 -7.28
CA GLY G 58 5.32 -30.13 -6.84
C GLY G 58 4.25 -29.11 -6.54
N ILE G 59 4.32 -28.49 -5.36
CA ILE G 59 3.37 -27.47 -4.94
C ILE G 59 4.12 -26.16 -4.75
N MET G 60 3.56 -25.08 -5.31
CA MET G 60 4.10 -23.74 -5.15
C MET G 60 3.02 -22.84 -4.57
N ASP G 61 3.34 -22.17 -3.47
CA ASP G 61 2.44 -21.16 -2.92
C ASP G 61 2.88 -19.81 -3.46
N TYR G 62 1.92 -18.96 -3.79
CA TYR G 62 2.27 -17.65 -4.33
C TYR G 62 1.08 -16.71 -4.20
N LYS G 63 1.36 -15.43 -4.46
CA LYS G 63 0.39 -14.36 -4.29
C LYS G 63 0.27 -13.63 -5.62
N LEU G 64 -0.95 -13.39 -6.06
CA LEU G 64 -1.19 -12.77 -7.35
C LEU G 64 -1.89 -11.45 -7.12
N GLY G 65 -1.36 -10.40 -7.72
CA GLY G 65 -1.98 -9.09 -7.69
C GLY G 65 -2.26 -8.56 -9.08
N PHE G 66 -3.37 -7.82 -9.19
CA PHE G 66 -3.76 -7.17 -10.42
C PHE G 66 -3.89 -5.67 -10.15
N VAL G 67 -3.26 -4.85 -10.99
CA VAL G 67 -3.18 -3.40 -10.77
C VAL G 67 -3.54 -2.61 -12.02
N THR G 79 -3.24 -4.16 -17.90
CA THR G 79 -3.24 -4.30 -16.45
C THR G 79 -2.02 -5.06 -15.96
N GLU G 80 -1.32 -4.46 -15.02
CA GLU G 80 -0.12 -5.06 -14.44
C GLU G 80 -0.49 -6.22 -13.52
N VAL G 81 0.28 -7.31 -13.62
CA VAL G 81 0.17 -8.45 -12.73
C VAL G 81 1.41 -8.51 -11.86
N ILE G 82 1.21 -8.75 -10.57
CA ILE G 82 2.31 -8.93 -9.64
C ILE G 82 2.27 -10.37 -9.18
N TYR G 83 3.43 -11.03 -9.21
CA TYR G 83 3.59 -12.39 -8.74
C TYR G 83 4.61 -12.43 -7.60
N VAL G 84 4.19 -12.91 -6.42
CA VAL G 84 5.06 -13.01 -5.26
C VAL G 84 5.11 -14.46 -4.78
N PRO G 85 6.25 -15.13 -4.90
CA PRO G 85 6.38 -16.51 -4.40
C PRO G 85 6.32 -16.55 -2.89
N LEU G 86 5.62 -17.54 -2.34
CA LEU G 86 5.48 -17.69 -0.90
C LEU G 86 6.12 -19.00 -0.46
N LEU G 87 7.29 -18.91 0.19
CA LEU G 87 8.08 -20.09 0.55
C LEU G 87 7.94 -20.52 2.00
N LYS G 88 7.22 -19.76 2.83
CA LYS G 88 7.16 -20.06 4.26
C LYS G 88 6.62 -21.47 4.51
N GLN G 89 5.63 -21.90 3.73
CA GLN G 89 4.99 -23.18 4.01
C GLN G 89 5.79 -24.37 3.49
N ARG G 90 6.66 -24.16 2.52
CA ARG G 90 7.42 -25.29 1.98
C ARG G 90 8.43 -25.80 3.00
N THR G 91 8.61 -27.11 3.04
CA THR G 91 9.65 -27.71 3.86
C THR G 91 11.02 -27.40 3.27
N ALA G 92 12.05 -27.65 4.07
CA ALA G 92 13.41 -27.50 3.56
C ALA G 92 13.64 -28.43 2.38
N GLU G 93 13.18 -29.69 2.50
CA GLU G 93 13.31 -30.63 1.39
C GLU G 93 12.59 -30.09 0.16
N GLU G 94 11.31 -29.72 0.34
CA GLU G 94 10.49 -29.30 -0.78
C GLU G 94 11.15 -28.15 -1.52
N LEU G 95 11.78 -27.24 -0.78
CA LEU G 95 12.58 -26.19 -1.40
C LEU G 95 13.69 -26.77 -2.25
N GLN G 96 14.41 -27.74 -1.69
CA GLN G 96 15.50 -28.37 -2.43
C GLN G 96 14.99 -28.96 -3.72
N GLU G 97 13.87 -29.68 -3.65
CA GLU G 97 13.25 -30.19 -4.87
C GLU G 97 12.82 -29.04 -5.77
N LEU G 98 12.17 -28.04 -5.18
CA LEU G 98 11.77 -26.86 -5.95
C LEU G 98 12.96 -26.17 -6.60
N GLN G 99 14.05 -25.96 -5.83
CA GLN G 99 15.16 -25.16 -6.34
C GLN G 99 15.81 -25.80 -7.55
N LYS G 100 15.75 -27.13 -7.64
CA LYS G 100 16.18 -27.81 -8.86
C LYS G 100 15.06 -27.85 -9.90
N LYS G 101 13.81 -27.68 -9.47
CA LYS G 101 12.71 -27.68 -10.43
C LYS G 101 12.49 -26.30 -11.03
N LEU G 102 12.45 -25.21 -10.17
CA LEU G 102 11.95 -23.99 -10.77
C LEU G 102 13.08 -23.15 -11.37
N PRO G 103 12.77 -22.38 -12.42
CA PRO G 103 13.75 -21.44 -12.97
C PRO G 103 13.97 -20.28 -12.02
N ASP G 104 15.09 -19.60 -12.20
CA ASP G 104 15.45 -18.53 -11.28
C ASP G 104 14.31 -17.52 -11.14
N TYR G 105 13.78 -17.04 -12.28
CA TYR G 105 12.82 -15.93 -12.20
C TYR G 105 11.59 -16.30 -11.39
N LEU G 106 11.25 -17.59 -11.31
CA LEU G 106 10.08 -18.02 -10.53
C LEU G 106 10.29 -17.91 -9.03
N PHE G 107 11.53 -17.75 -8.58
CA PHE G 107 11.75 -17.45 -7.17
C PHE G 107 11.75 -15.96 -6.89
N GLU G 108 11.76 -15.14 -7.93
CA GLU G 108 11.79 -13.69 -7.80
C GLU G 108 10.38 -13.13 -7.72
N THR G 109 10.29 -11.85 -7.34
CA THR G 109 9.02 -11.13 -7.34
C THR G 109 8.88 -10.39 -8.66
N LEU G 110 7.81 -10.71 -9.40
CA LEU G 110 7.70 -10.29 -10.78
C LEU G 110 6.50 -9.39 -11.02
N SER G 111 6.57 -8.69 -12.15
CA SER G 111 5.52 -7.82 -12.65
C SER G 111 5.46 -8.08 -14.15
N PHE G 112 4.26 -8.36 -14.67
CA PHE G 112 4.13 -8.65 -16.10
C PHE G 112 2.74 -8.26 -16.55
N PRO G 113 2.54 -8.10 -17.87
CA PRO G 113 1.21 -7.78 -18.37
C PRO G 113 0.22 -8.91 -18.10
N LEU G 114 -1.06 -8.57 -18.15
CA LEU G 114 -2.11 -9.55 -17.92
C LEU G 114 -2.08 -10.63 -18.98
N ARG G 115 -2.00 -10.22 -20.25
CA ARG G 115 -2.08 -11.15 -21.38
C ARG G 115 -1.10 -12.31 -21.24
N SER G 116 -0.04 -12.12 -20.46
CA SER G 116 0.96 -13.17 -20.28
C SER G 116 0.65 -14.10 -19.11
N LEU G 117 -0.45 -13.88 -18.40
CA LEU G 117 -0.72 -14.64 -17.18
C LEU G 117 -0.88 -16.14 -17.45
N ASN G 118 -1.43 -16.53 -18.60
CA ASN G 118 -1.60 -17.97 -18.84
C ASN G 118 -0.28 -18.63 -19.18
N GLN G 119 0.53 -18.00 -20.05
CA GLN G 119 1.93 -18.40 -20.18
C GLN G 119 2.60 -18.58 -18.83
N PHE G 120 2.26 -17.72 -17.86
CA PHE G 120 2.79 -17.92 -16.52
C PHE G 120 2.29 -19.22 -15.93
N TYR G 121 0.98 -19.43 -15.98
CA TYR G 121 0.39 -20.65 -15.46
C TYR G 121 1.06 -21.87 -16.04
N ILE G 122 1.34 -21.84 -17.34
CA ILE G 122 1.90 -23.01 -18.02
C ILE G 122 3.32 -23.26 -17.58
N LYS G 123 4.14 -22.21 -17.49
CA LYS G 123 5.51 -22.36 -17.00
C LYS G 123 5.55 -22.98 -15.62
N MET G 124 4.68 -22.52 -14.72
CA MET G 124 4.64 -23.09 -13.37
C MET G 124 4.30 -24.56 -13.39
N SER G 125 3.23 -24.93 -14.13
CA SER G 125 2.79 -26.34 -14.21
C SER G 125 3.88 -27.22 -14.78
N LYS G 126 4.47 -26.81 -15.90
CA LYS G 126 5.60 -27.55 -16.47
C LYS G 126 6.75 -27.64 -15.48
N SER G 127 7.08 -26.51 -14.85
CA SER G 127 8.28 -26.49 -14.00
C SER G 127 8.05 -27.28 -12.71
N LEU G 128 6.80 -27.44 -12.28
CA LEU G 128 6.57 -28.28 -11.10
C LEU G 128 6.64 -29.75 -11.47
N ASN G 129 6.20 -30.09 -12.68
CA ASN G 129 6.14 -31.48 -13.12
C ASN G 129 7.51 -32.05 -13.46
N LYS G 130 8.45 -31.21 -13.88
CA LYS G 130 9.75 -31.71 -14.34
C LYS G 130 10.41 -32.58 -13.29
N LYS G 131 10.80 -33.79 -13.70
CA LYS G 131 11.54 -34.71 -12.86
C LYS G 131 12.89 -34.12 -12.45
N VAL G 132 13.39 -34.61 -11.31
CA VAL G 132 14.62 -34.11 -10.71
C VAL G 132 14.94 -34.95 -9.45
N LEU H 2 10.43 -37.20 -4.30
CA LEU H 2 9.58 -36.66 -3.25
C LEU H 2 8.19 -36.34 -3.78
N LYS H 3 7.20 -36.51 -2.92
CA LYS H 3 5.84 -36.05 -3.18
C LYS H 3 5.51 -34.97 -2.17
N PHE H 4 5.04 -33.82 -2.65
CA PHE H 4 4.58 -32.75 -1.79
C PHE H 4 3.27 -33.12 -1.12
N LYS H 5 3.04 -32.59 0.07
CA LYS H 5 1.80 -32.83 0.78
C LYS H 5 0.86 -31.66 0.57
N ARG H 6 -0.41 -31.96 0.27
CA ARG H 6 -1.41 -30.92 0.12
C ARG H 6 -1.68 -30.27 1.48
N HIS H 7 -1.76 -28.94 1.48
CA HIS H 7 -2.05 -28.20 2.71
C HIS H 7 -3.55 -27.91 2.78
N LYS H 8 -4.08 -27.92 4.01
CA LYS H 8 -5.49 -27.70 4.25
C LYS H 8 -5.85 -26.22 4.11
N ASN H 9 -7.12 -25.98 3.80
CA ASN H 9 -7.61 -24.66 3.39
C ASN H 9 -7.26 -23.54 4.38
N PRO H 16 -8.36 -8.15 5.52
CA PRO H 16 -6.90 -8.08 5.30
C PRO H 16 -6.16 -7.24 6.34
N THR H 17 -5.12 -7.80 6.96
CA THR H 17 -4.40 -7.11 8.01
C THR H 17 -3.64 -5.91 7.47
N LEU H 18 -3.24 -5.03 8.38
CA LEU H 18 -2.37 -3.94 8.01
C LEU H 18 -1.05 -4.46 7.46
N GLY H 19 -0.47 -5.45 8.14
CA GLY H 19 0.76 -6.04 7.67
C GLY H 19 0.65 -6.55 6.24
N GLU H 20 -0.48 -7.17 5.90
CA GLU H 20 -0.64 -7.67 4.55
C GLU H 20 -0.67 -6.52 3.55
N ARG H 21 -1.47 -5.49 3.83
CA ARG H 21 -1.50 -4.30 3.00
C ARG H 21 -0.09 -3.77 2.76
N LEU H 22 0.68 -3.62 3.84
CA LEU H 22 2.01 -3.03 3.74
C LEU H 22 2.92 -3.93 2.90
N ASP H 23 2.92 -5.23 3.23
CA ASP H 23 3.71 -6.18 2.47
C ASP H 23 3.42 -6.08 0.98
N ASN H 24 2.15 -5.84 0.62
CA ASN H 24 1.81 -5.68 -0.79
C ASN H 24 2.54 -4.50 -1.41
N LEU H 25 2.52 -3.36 -0.72
CA LEU H 25 3.19 -2.16 -1.23
C LEU H 25 4.67 -2.41 -1.49
N GLN H 26 5.36 -3.08 -0.55
CA GLN H 26 6.76 -3.40 -0.79
C GLN H 26 6.91 -4.31 -2.00
N ASP H 27 6.02 -5.32 -2.11
CA ASP H 27 6.13 -6.29 -3.20
C ASP H 27 5.99 -5.62 -4.57
N ILE H 28 5.10 -4.63 -4.68
CA ILE H 28 5.05 -3.82 -5.89
C ILE H 28 6.42 -3.23 -6.19
N LYS H 29 7.01 -2.53 -5.20
CA LYS H 29 8.30 -1.86 -5.39
C LYS H 29 9.40 -2.85 -5.78
N LYS H 30 9.44 -4.01 -5.09
CA LYS H 30 10.47 -5.00 -5.37
C LYS H 30 10.37 -5.58 -6.79
N ALA H 31 9.18 -5.59 -7.39
CA ALA H 31 8.93 -6.52 -8.48
C ALA H 31 9.72 -6.15 -9.74
N LYS H 32 10.34 -7.17 -10.34
CA LYS H 32 11.10 -7.04 -11.58
C LYS H 32 10.15 -7.18 -12.77
N ARG H 33 10.07 -6.14 -13.59
CA ARG H 33 9.20 -6.19 -14.74
C ARG H 33 9.76 -7.16 -15.77
N VAL H 34 8.89 -8.01 -16.28
CA VAL H 34 9.15 -8.99 -17.32
C VAL H 34 7.91 -8.97 -18.21
N GLU H 35 8.09 -9.21 -19.51
CA GLU H 35 6.97 -9.11 -20.43
C GLU H 35 6.59 -10.41 -21.11
N ASN H 36 7.45 -11.42 -21.07
CA ASN H 36 7.23 -12.69 -21.76
C ASN H 36 7.85 -13.80 -20.92
N PHE H 37 7.30 -15.00 -21.06
CA PHE H 37 7.91 -16.15 -20.40
C PHE H 37 8.45 -17.15 -21.42
#